data_1FO3
#
_entry.id   1FO3
#
_cell.length_a   95.975
_cell.length_b   95.975
_cell.length_c   137.028
_cell.angle_alpha   90.00
_cell.angle_beta   90.00
_cell.angle_gamma   120.00
#
_symmetry.space_group_name_H-M   'P 31 2 1'
#
loop_
_entity.id
_entity.type
_entity.pdbx_description
1 polymer ALPHA1,2-MANNOSIDASE
2 non-polymer 'CALCIUM ION'
3 non-polymer 'SULFATE ION'
4 non-polymer KIFUNENSINE
5 water water
#
_entity_poly.entity_id   1
_entity_poly.type   'polypeptide(L)'
_entity_poly.pdbx_seq_one_letter_code
;TQGPVHLNYRQKGVIDVFLHAWKGYRKFAWGHDELKPVSRSFSEWFGLGLTLIDALDTMWILGLRKEFEEARKWVSKKLH
FEKDVDVNLFESTIRILGGLLSAYHLSGDSLFLRKAEDFGNRLMPAFRTPSKIPYSDVNIGTGVAHPPRWTSDSTVAEVT
SIQLEFRELSRLTGDKKFQEAVEKVTQHIHGLSGKKDGLVPMFINTHSGLFTHLGVFTLGARADSYYEYLLKQWIQGGKQ
ETQLLEDYVEAIEGVRTHLLRHSEPSKLTFVGELAHGRFSAKMDHLVCFLPGTLALGVYHGLPASHMELAQELMETCYQM
NRQMETGLSPEIVHFNLYPQPGRRDVEVKPADRHNLLRPETVESLFYLYRVTGDRKYQDWGWEILQSFSRFTRVPSGGYS
SINNVQDPQKPEPRDKMESFFLGETLKYLFLLFSDDPNLLSLDAYVFNTEAHPLPIWTPA
;
_entity_poly.pdbx_strand_id   A
#
loop_
_chem_comp.id
_chem_comp.type
_chem_comp.name
_chem_comp.formula
CA non-polymer 'CALCIUM ION' 'Ca 2'
KIF non-polymer KIFUNENSINE 'C8 H12 N2 O6'
SO4 non-polymer 'SULFATE ION' 'O4 S -2'
#
# COMPACT_ATOMS: atom_id res chain seq x y z
N GLN A 2 -19.61 -6.91 -22.35
CA GLN A 2 -19.82 -8.28 -21.78
C GLN A 2 -18.52 -8.82 -21.17
N GLY A 3 -18.67 -9.62 -20.11
CA GLY A 3 -17.50 -10.19 -19.45
C GLY A 3 -17.62 -11.69 -19.27
N PRO A 4 -16.49 -12.38 -19.03
CA PRO A 4 -16.45 -13.83 -18.83
C PRO A 4 -17.62 -14.40 -18.03
N VAL A 5 -18.17 -15.49 -18.54
CA VAL A 5 -19.31 -16.17 -17.93
C VAL A 5 -18.99 -16.87 -16.60
N HIS A 6 -17.76 -17.34 -16.45
CA HIS A 6 -17.37 -18.07 -15.24
C HIS A 6 -17.27 -17.24 -13.96
N LEU A 7 -17.03 -15.94 -14.10
CA LEU A 7 -16.89 -15.05 -12.94
C LEU A 7 -18.09 -15.00 -12.00
N ASN A 8 -17.83 -15.01 -10.70
CA ASN A 8 -18.94 -14.89 -9.76
C ASN A 8 -19.38 -13.43 -9.84
N TYR A 9 -20.58 -13.12 -9.39
CA TYR A 9 -21.11 -11.77 -9.50
C TYR A 9 -20.31 -10.65 -8.87
N ARG A 10 -19.65 -10.91 -7.75
CA ARG A 10 -18.88 -9.86 -7.11
C ARG A 10 -17.62 -9.51 -7.89
N GLN A 11 -16.94 -10.51 -8.44
CA GLN A 11 -15.75 -10.22 -9.23
C GLN A 11 -16.21 -9.47 -10.49
N LYS A 12 -17.34 -9.92 -11.03
CA LYS A 12 -17.89 -9.29 -12.23
C LYS A 12 -18.14 -7.81 -11.93
N GLY A 13 -18.60 -7.54 -10.71
CA GLY A 13 -18.87 -6.18 -10.30
C GLY A 13 -17.62 -5.34 -10.22
N VAL A 14 -16.53 -5.92 -9.70
CA VAL A 14 -15.26 -5.19 -9.62
C VAL A 14 -14.82 -4.82 -11.02
N ILE A 15 -14.95 -5.77 -11.95
CA ILE A 15 -14.55 -5.52 -13.32
C ILE A 15 -15.36 -4.35 -13.90
N ASP A 16 -16.66 -4.32 -13.64
CA ASP A 16 -17.51 -3.22 -14.14
C ASP A 16 -16.96 -1.89 -13.64
N VAL A 17 -16.60 -1.84 -12.37
CA VAL A 17 -16.07 -0.62 -11.76
C VAL A 17 -14.72 -0.26 -12.40
N PHE A 18 -13.85 -1.25 -12.57
CA PHE A 18 -12.56 -0.97 -13.18
C PHE A 18 -12.76 -0.34 -14.56
N LEU A 19 -13.60 -0.97 -15.37
CA LEU A 19 -13.86 -0.48 -16.72
C LEU A 19 -14.38 0.95 -16.75
N HIS A 20 -15.27 1.31 -15.83
CA HIS A 20 -15.77 2.68 -15.80
C HIS A 20 -14.64 3.62 -15.42
N ALA A 21 -13.80 3.17 -14.49
CA ALA A 21 -12.67 3.98 -14.06
C ALA A 21 -11.66 4.14 -15.19
N TRP A 22 -11.40 3.05 -15.90
CA TRP A 22 -10.45 3.04 -17.00
C TRP A 22 -10.97 3.87 -18.18
N LYS A 23 -12.30 3.89 -18.33
CA LYS A 23 -12.90 4.67 -19.41
C LYS A 23 -12.45 6.12 -19.27
N GLY A 24 -12.45 6.62 -18.03
CA GLY A 24 -12.03 7.99 -17.79
C GLY A 24 -10.54 8.20 -18.02
N TYR A 25 -9.72 7.24 -17.59
CA TYR A 25 -8.29 7.37 -17.78
C TYR A 25 -7.94 7.38 -19.25
N ARG A 26 -8.53 6.45 -20.01
CA ARG A 26 -8.27 6.36 -21.44
C ARG A 26 -8.68 7.61 -22.22
N LYS A 27 -9.78 8.22 -21.82
CA LYS A 27 -10.28 9.39 -22.52
C LYS A 27 -9.67 10.74 -22.14
N PHE A 28 -9.38 10.93 -20.86
CA PHE A 28 -8.86 12.23 -20.43
C PHE A 28 -7.45 12.29 -19.85
N ALA A 29 -6.84 11.15 -19.57
CA ALA A 29 -5.50 11.17 -18.98
C ALA A 29 -4.55 10.08 -19.47
N TRP A 30 -4.78 9.58 -20.67
CA TRP A 30 -3.94 8.51 -21.21
C TRP A 30 -2.47 8.87 -21.29
N GLY A 31 -1.64 8.07 -20.62
CA GLY A 31 -0.21 8.31 -20.62
C GLY A 31 0.23 9.27 -19.54
N HIS A 32 -0.72 9.82 -18.80
CA HIS A 32 -0.43 10.75 -17.72
C HIS A 32 -0.45 10.04 -16.38
N ASP A 33 0.15 10.64 -15.36
CA ASP A 33 0.21 10.02 -14.04
C ASP A 33 -1.12 9.77 -13.38
N GLU A 34 -1.97 10.79 -13.29
CA GLU A 34 -3.27 10.62 -12.64
C GLU A 34 -4.40 11.32 -13.37
N LEU A 35 -5.58 10.72 -13.26
CA LEU A 35 -6.78 11.26 -13.88
C LEU A 35 -7.45 12.26 -12.96
N LYS A 36 -8.02 13.30 -13.56
CA LYS A 36 -8.78 14.31 -12.82
C LYS A 36 -10.15 14.11 -13.46
N PRO A 37 -10.92 13.13 -12.95
CA PRO A 37 -12.25 12.75 -13.42
C PRO A 37 -13.31 13.84 -13.53
N VAL A 38 -13.45 14.64 -12.47
CA VAL A 38 -14.44 15.71 -12.47
C VAL A 38 -14.19 16.72 -13.60
N SER A 39 -12.99 17.24 -13.68
CA SER A 39 -12.62 18.22 -14.70
C SER A 39 -12.20 17.58 -16.02
N ARG A 40 -12.30 16.26 -16.10
CA ARG A 40 -11.94 15.53 -17.31
C ARG A 40 -10.55 15.92 -17.79
N SER A 41 -9.61 16.00 -16.84
CA SER A 41 -8.24 16.37 -17.16
C SER A 41 -7.27 15.36 -16.56
N PHE A 42 -6.04 15.81 -16.30
CA PHE A 42 -5.01 14.94 -15.75
C PHE A 42 -4.02 15.73 -14.91
N SER A 43 -3.21 15.01 -14.15
CA SER A 43 -2.19 15.63 -13.33
C SER A 43 -0.91 14.84 -13.47
N GLU A 44 0.22 15.53 -13.35
CA GLU A 44 1.52 14.87 -13.45
C GLU A 44 2.28 15.02 -12.13
N TRP A 45 2.90 13.93 -11.72
CA TRP A 45 3.68 13.89 -10.49
C TRP A 45 5.14 13.67 -10.90
N PHE A 46 5.38 12.58 -11.64
CA PHE A 46 6.72 12.25 -12.13
C PHE A 46 6.71 12.22 -13.66
N GLY A 47 5.52 12.17 -14.24
CA GLY A 47 5.40 12.13 -15.70
C GLY A 47 5.83 10.80 -16.27
N LEU A 48 5.45 9.71 -15.59
CA LEU A 48 5.83 8.37 -16.04
C LEU A 48 4.64 7.42 -16.18
N GLY A 49 3.48 7.96 -16.55
CA GLY A 49 2.29 7.13 -16.72
C GLY A 49 1.98 6.29 -15.49
N LEU A 50 2.13 6.89 -14.33
CA LEU A 50 1.91 6.24 -13.04
C LEU A 50 0.67 5.34 -12.94
N THR A 51 -0.50 5.91 -13.24
CA THR A 51 -1.74 5.13 -13.14
C THR A 51 -1.75 3.92 -14.08
N LEU A 52 -1.19 4.10 -15.27
CA LEU A 52 -1.13 3.02 -16.25
C LEU A 52 -0.24 1.90 -15.74
N ILE A 53 0.97 2.25 -15.30
CA ILE A 53 1.90 1.25 -14.80
C ILE A 53 1.37 0.55 -13.54
N ASP A 54 0.79 1.33 -12.63
CA ASP A 54 0.27 0.77 -11.39
C ASP A 54 -0.88 -0.21 -11.66
N ALA A 55 -1.61 0.02 -12.75
CA ALA A 55 -2.76 -0.82 -13.09
C ALA A 55 -2.48 -1.99 -14.04
N LEU A 56 -1.26 -2.10 -14.55
CA LEU A 56 -0.94 -3.19 -15.47
C LEU A 56 -1.30 -4.57 -14.93
N ASP A 57 -0.78 -4.93 -13.76
CA ASP A 57 -1.10 -6.25 -13.23
C ASP A 57 -2.57 -6.40 -12.88
N THR A 58 -3.23 -5.33 -12.46
CA THR A 58 -4.64 -5.42 -12.13
C THR A 58 -5.41 -5.78 -13.42
N MET A 59 -5.08 -5.13 -14.54
CA MET A 59 -5.77 -5.44 -15.78
C MET A 59 -5.54 -6.90 -16.17
N TRP A 60 -4.31 -7.36 -16.04
CA TRP A 60 -4.02 -8.76 -16.39
C TRP A 60 -4.84 -9.70 -15.52
N ILE A 61 -4.81 -9.49 -14.20
CA ILE A 61 -5.53 -10.32 -13.25
C ILE A 61 -7.04 -10.33 -13.50
N LEU A 62 -7.60 -9.18 -13.89
CA LEU A 62 -9.05 -9.09 -14.13
C LEU A 62 -9.43 -9.64 -15.50
N GLY A 63 -8.45 -10.08 -16.27
CA GLY A 63 -8.74 -10.62 -17.59
C GLY A 63 -8.99 -9.57 -18.65
N LEU A 64 -8.59 -8.34 -18.39
CA LEU A 64 -8.78 -7.26 -19.35
C LEU A 64 -7.54 -7.24 -20.25
N ARG A 65 -7.42 -8.28 -21.07
CA ARG A 65 -6.28 -8.44 -21.96
C ARG A 65 -6.19 -7.40 -23.08
N LYS A 66 -7.33 -6.99 -23.62
CA LYS A 66 -7.33 -5.98 -24.67
C LYS A 66 -6.75 -4.69 -24.10
N GLU A 67 -7.26 -4.30 -22.93
CA GLU A 67 -6.80 -3.09 -22.27
C GLU A 67 -5.32 -3.23 -21.91
N PHE A 68 -4.92 -4.42 -21.45
CA PHE A 68 -3.53 -4.64 -21.09
C PHE A 68 -2.63 -4.45 -22.30
N GLU A 69 -3.02 -5.04 -23.43
CA GLU A 69 -2.24 -4.94 -24.66
C GLU A 69 -2.05 -3.48 -25.05
N GLU A 70 -3.13 -2.70 -24.96
CA GLU A 70 -3.04 -1.30 -25.31
C GLU A 70 -2.07 -0.55 -24.39
N ALA A 71 -2.08 -0.92 -23.12
CA ALA A 71 -1.19 -0.30 -22.13
C ALA A 71 0.24 -0.76 -22.38
N ARG A 72 0.37 -2.01 -22.79
CA ARG A 72 1.67 -2.60 -23.08
C ARG A 72 2.30 -1.81 -24.24
N LYS A 73 1.48 -1.49 -25.23
CA LYS A 73 1.96 -0.71 -26.38
C LYS A 73 2.50 0.64 -25.93
N TRP A 74 1.80 1.29 -25.02
CA TRP A 74 2.22 2.59 -24.52
C TRP A 74 3.58 2.48 -23.83
N VAL A 75 3.76 1.44 -23.03
CA VAL A 75 5.02 1.25 -22.33
C VAL A 75 6.15 1.05 -23.34
N SER A 76 5.88 0.29 -24.39
CA SER A 76 6.86 0.01 -25.42
C SER A 76 7.26 1.23 -26.25
N LYS A 77 6.29 2.10 -26.53
CA LYS A 77 6.57 3.26 -27.36
C LYS A 77 6.65 4.62 -26.68
N LYS A 78 5.98 4.80 -25.55
CA LYS A 78 5.98 6.10 -24.89
C LYS A 78 6.69 6.26 -23.55
N LEU A 79 6.98 5.16 -22.86
CA LEU A 79 7.66 5.27 -21.57
C LEU A 79 9.17 5.47 -21.74
N HIS A 80 9.66 6.65 -21.37
CA HIS A 80 11.08 6.97 -21.48
C HIS A 80 11.62 7.52 -20.17
N PHE A 81 12.66 6.88 -19.65
CA PHE A 81 13.25 7.33 -18.39
C PHE A 81 14.35 8.36 -18.59
N GLU A 82 14.64 8.69 -19.84
CA GLU A 82 15.64 9.69 -20.16
C GLU A 82 14.94 11.05 -19.99
N LYS A 83 14.55 11.36 -18.76
CA LYS A 83 13.87 12.61 -18.45
C LYS A 83 14.49 13.34 -17.27
N ASP A 84 14.52 14.66 -17.38
CA ASP A 84 15.06 15.50 -16.32
C ASP A 84 13.93 15.67 -15.30
N VAL A 85 13.87 14.76 -14.33
CA VAL A 85 12.83 14.83 -13.31
C VAL A 85 13.24 14.17 -12.01
N ASP A 86 12.84 14.78 -10.90
CA ASP A 86 13.13 14.25 -9.59
C ASP A 86 11.99 13.34 -9.17
N VAL A 87 12.33 12.13 -8.76
CA VAL A 87 11.30 11.19 -8.31
C VAL A 87 11.65 10.79 -6.89
N ASN A 88 10.64 10.40 -6.13
CA ASN A 88 10.87 9.94 -4.77
C ASN A 88 11.27 8.48 -4.91
N LEU A 89 12.40 8.10 -4.34
CA LEU A 89 12.87 6.72 -4.43
C LEU A 89 11.79 5.71 -4.04
N PHE A 90 11.21 5.91 -2.87
CA PHE A 90 10.17 5.01 -2.36
C PHE A 90 8.92 4.93 -3.23
N GLU A 91 8.31 6.08 -3.50
CA GLU A 91 7.09 6.12 -4.31
C GLU A 91 7.28 5.52 -5.71
N SER A 92 8.42 5.77 -6.34
CA SER A 92 8.66 5.25 -7.66
C SER A 92 9.04 3.77 -7.62
N THR A 93 9.62 3.34 -6.51
CA THR A 93 10.00 1.93 -6.38
C THR A 93 8.77 1.04 -6.20
N ILE A 94 7.89 1.41 -5.27
CA ILE A 94 6.71 0.59 -5.02
C ILE A 94 5.70 0.62 -6.16
N ARG A 95 5.63 1.73 -6.89
CA ARG A 95 4.69 1.82 -7.99
C ARG A 95 5.25 1.37 -9.33
N ILE A 96 6.30 2.04 -9.76
CA ILE A 96 6.90 1.75 -11.05
C ILE A 96 7.73 0.48 -11.11
N LEU A 97 8.72 0.36 -10.25
CA LEU A 97 9.55 -0.84 -10.27
C LEU A 97 8.71 -2.06 -9.90
N GLY A 98 7.92 -1.93 -8.82
CA GLY A 98 7.07 -3.03 -8.41
C GLY A 98 6.03 -3.40 -9.45
N GLY A 99 5.43 -2.38 -10.06
CA GLY A 99 4.41 -2.60 -11.07
C GLY A 99 4.95 -3.24 -12.34
N LEU A 100 6.16 -2.86 -12.74
CA LEU A 100 6.77 -3.43 -13.94
C LEU A 100 7.18 -4.88 -13.65
N LEU A 101 7.68 -5.15 -12.45
CA LEU A 101 8.11 -6.50 -12.09
C LEU A 101 6.92 -7.47 -12.08
N SER A 102 5.80 -7.05 -11.48
CA SER A 102 4.64 -7.91 -11.44
C SER A 102 4.08 -8.09 -12.85
N ALA A 103 4.08 -7.02 -13.65
CA ALA A 103 3.57 -7.13 -15.02
C ALA A 103 4.42 -8.12 -15.80
N TYR A 104 5.72 -8.08 -15.55
CA TYR A 104 6.65 -9.00 -16.22
C TYR A 104 6.30 -10.44 -15.85
N HIS A 105 6.18 -10.72 -14.56
CA HIS A 105 5.86 -12.09 -14.14
C HIS A 105 4.52 -12.62 -14.62
N LEU A 106 3.49 -11.77 -14.59
CA LEU A 106 2.17 -12.20 -15.04
C LEU A 106 2.08 -12.41 -16.55
N SER A 107 2.64 -11.48 -17.31
CA SER A 107 2.58 -11.54 -18.77
C SER A 107 3.67 -12.36 -19.46
N GLY A 108 4.84 -12.43 -18.83
CA GLY A 108 5.95 -13.16 -19.41
C GLY A 108 6.62 -12.32 -20.48
N ASP A 109 6.18 -11.06 -20.58
CA ASP A 109 6.71 -10.13 -21.58
C ASP A 109 7.99 -9.45 -21.07
N SER A 110 9.10 -9.73 -21.74
CA SER A 110 10.40 -9.17 -21.35
C SER A 110 10.48 -7.66 -21.36
N LEU A 111 9.58 -7.02 -22.10
CA LEU A 111 9.57 -5.56 -22.16
C LEU A 111 9.55 -4.97 -20.75
N PHE A 112 8.68 -5.51 -19.90
CA PHE A 112 8.54 -4.98 -18.55
C PHE A 112 9.80 -5.17 -17.71
N LEU A 113 10.52 -6.27 -17.92
CA LEU A 113 11.76 -6.50 -17.19
C LEU A 113 12.82 -5.52 -17.70
N ARG A 114 12.86 -5.30 -19.01
CA ARG A 114 13.84 -4.39 -19.57
C ARG A 114 13.67 -2.98 -19.00
N LYS A 115 12.42 -2.54 -18.90
CA LYS A 115 12.12 -1.22 -18.35
C LYS A 115 12.46 -1.18 -16.86
N ALA A 116 12.18 -2.29 -16.16
CA ALA A 116 12.47 -2.36 -14.73
C ALA A 116 13.96 -2.25 -14.45
N GLU A 117 14.78 -2.94 -15.24
CA GLU A 117 16.23 -2.88 -15.04
C GLU A 117 16.75 -1.47 -15.32
N ASP A 118 16.19 -0.83 -16.34
CA ASP A 118 16.56 0.52 -16.73
C ASP A 118 16.28 1.45 -15.54
N PHE A 119 15.04 1.40 -15.06
CA PHE A 119 14.62 2.25 -13.95
C PHE A 119 15.43 1.97 -12.68
N GLY A 120 15.67 0.68 -12.38
CA GLY A 120 16.44 0.33 -11.21
C GLY A 120 17.82 0.96 -11.23
N ASN A 121 18.49 0.90 -12.37
CA ASN A 121 19.83 1.50 -12.46
C ASN A 121 19.78 2.99 -12.22
N ARG A 122 18.74 3.65 -12.74
CA ARG A 122 18.60 5.09 -12.60
C ARG A 122 18.31 5.53 -11.15
N LEU A 123 17.87 4.60 -10.32
CA LEU A 123 17.55 4.92 -8.91
C LEU A 123 18.76 4.76 -7.99
N MET A 124 19.71 3.93 -8.41
CA MET A 124 20.90 3.64 -7.62
C MET A 124 21.68 4.82 -7.06
N PRO A 125 21.76 5.94 -7.79
CA PRO A 125 22.53 7.04 -7.22
C PRO A 125 22.01 7.55 -5.85
N ALA A 126 20.79 7.18 -5.50
CA ALA A 126 20.21 7.61 -4.23
C ALA A 126 20.93 7.01 -3.02
N PHE A 127 21.61 5.89 -3.21
CA PHE A 127 22.32 5.24 -2.10
C PHE A 127 23.72 5.79 -1.89
N ARG A 128 24.12 6.78 -2.69
CA ARG A 128 25.45 7.37 -2.56
C ARG A 128 25.51 8.35 -1.39
N THR A 129 25.49 7.82 -0.17
CA THR A 129 25.55 8.65 1.02
C THR A 129 26.60 8.07 1.98
N PRO A 130 27.02 8.84 3.00
CA PRO A 130 28.01 8.34 3.93
C PRO A 130 27.53 7.15 4.77
N SER A 131 26.25 7.16 5.13
CA SER A 131 25.67 6.08 5.93
C SER A 131 25.15 4.97 5.03
N LYS A 132 25.03 5.29 3.75
CA LYS A 132 24.51 4.37 2.75
C LYS A 132 22.98 4.29 2.83
N ILE A 133 22.41 5.02 3.79
CA ILE A 133 20.97 5.10 3.91
C ILE A 133 20.71 6.04 2.75
N PRO A 134 19.84 5.65 1.81
CA PRO A 134 19.53 6.47 0.64
C PRO A 134 18.81 7.79 0.82
N TYR A 135 19.08 8.72 -0.10
CA TYR A 135 18.43 10.02 -0.13
C TYR A 135 16.97 9.77 -0.51
N SER A 136 16.10 10.70 -0.15
CA SER A 136 14.67 10.55 -0.47
C SER A 136 14.35 10.71 -1.95
N ASP A 137 15.09 11.59 -2.62
CA ASP A 137 14.85 11.87 -4.03
C ASP A 137 16.07 11.62 -4.92
N VAL A 138 15.80 11.38 -6.19
CA VAL A 138 16.85 11.15 -7.18
C VAL A 138 16.31 11.54 -8.56
N ASN A 139 17.16 12.22 -9.34
CA ASN A 139 16.78 12.64 -10.68
C ASN A 139 17.21 11.53 -11.62
N ILE A 140 16.24 10.76 -12.13
CA ILE A 140 16.53 9.64 -13.01
C ILE A 140 17.26 9.99 -14.30
N GLY A 141 17.20 11.26 -14.70
CA GLY A 141 17.85 11.67 -15.92
C GLY A 141 19.26 12.19 -15.77
N THR A 142 19.51 12.97 -14.72
CA THR A 142 20.83 13.53 -14.49
C THR A 142 21.68 12.64 -13.59
N GLY A 143 21.02 11.89 -12.72
CA GLY A 143 21.74 10.99 -11.84
C GLY A 143 22.06 11.59 -10.48
N VAL A 144 21.55 12.78 -10.19
CA VAL A 144 21.82 13.42 -8.91
C VAL A 144 20.73 13.13 -7.90
N ALA A 145 21.13 12.71 -6.71
CA ALA A 145 20.20 12.40 -5.63
C ALA A 145 20.31 13.49 -4.57
N HIS A 146 19.28 13.60 -3.73
CA HIS A 146 19.28 14.60 -2.69
C HIS A 146 18.08 14.45 -1.76
N PRO A 147 18.18 14.97 -0.53
CA PRO A 147 17.08 14.87 0.43
C PRO A 147 15.94 15.83 0.08
N PRO A 148 14.80 15.73 0.80
CA PRO A 148 13.64 16.59 0.54
C PRO A 148 13.98 18.08 0.65
N ARG A 149 13.02 18.92 0.26
CA ARG A 149 13.20 20.37 0.31
C ARG A 149 13.56 20.84 1.72
N SER A 152 16.25 18.03 7.45
CA SER A 152 15.44 17.27 6.44
C SER A 152 16.06 15.89 6.23
N ASP A 153 15.45 14.88 6.84
CA ASP A 153 15.96 13.52 6.71
C ASP A 153 15.05 12.69 5.83
N SER A 154 15.43 11.43 5.63
CA SER A 154 14.63 10.50 4.85
C SER A 154 13.66 9.89 5.87
N THR A 155 12.53 9.37 5.40
CA THR A 155 11.60 8.77 6.34
C THR A 155 11.92 7.28 6.42
N VAL A 156 11.76 6.70 7.61
CA VAL A 156 12.08 5.31 7.83
C VAL A 156 11.30 4.34 6.92
N ALA A 157 10.00 4.55 6.76
CA ALA A 157 9.22 3.66 5.91
C ALA A 157 9.75 3.70 4.48
N GLU A 158 10.14 4.89 4.03
CA GLU A 158 10.64 5.02 2.67
C GLU A 158 11.91 4.25 2.35
N VAL A 159 12.84 4.19 3.29
CA VAL A 159 14.10 3.47 3.04
C VAL A 159 14.03 1.99 3.36
N THR A 160 12.99 1.57 4.07
CA THR A 160 12.83 0.18 4.46
C THR A 160 11.68 -0.50 3.73
N SER A 161 11.11 0.19 2.74
CA SER A 161 9.99 -0.36 1.99
C SER A 161 10.27 -0.41 0.49
N ILE A 162 11.52 -0.70 0.14
CA ILE A 162 11.94 -0.78 -1.24
C ILE A 162 12.71 -2.08 -1.44
N GLN A 163 12.82 -2.87 -0.37
CA GLN A 163 13.59 -4.11 -0.39
C GLN A 163 13.07 -5.24 -1.27
N LEU A 164 11.78 -5.53 -1.19
CA LEU A 164 11.21 -6.61 -2.00
C LEU A 164 11.51 -6.41 -3.48
N GLU A 165 11.29 -5.18 -3.93
CA GLU A 165 11.48 -4.80 -5.32
C GLU A 165 12.91 -4.91 -5.79
N PHE A 166 13.84 -4.32 -5.04
CA PHE A 166 15.24 -4.36 -5.42
C PHE A 166 15.81 -5.78 -5.33
N ARG A 167 15.36 -6.53 -4.33
CA ARG A 167 15.83 -7.91 -4.18
C ARG A 167 15.40 -8.75 -5.39
N GLU A 168 14.16 -8.57 -5.80
CA GLU A 168 13.64 -9.30 -6.95
C GLU A 168 14.34 -8.90 -8.25
N LEU A 169 14.63 -7.61 -8.42
CA LEU A 169 15.31 -7.14 -9.62
C LEU A 169 16.68 -7.82 -9.74
N SER A 170 17.36 -7.98 -8.61
CA SER A 170 18.68 -8.64 -8.60
C SER A 170 18.54 -10.11 -8.97
N ARG A 171 17.49 -10.75 -8.47
CA ARG A 171 17.25 -12.18 -8.73
C ARG A 171 17.02 -12.41 -10.23
N LEU A 172 16.25 -11.52 -10.85
CA LEU A 172 15.94 -11.65 -12.28
C LEU A 172 17.06 -11.24 -13.24
N THR A 173 17.84 -10.23 -12.85
CA THR A 173 18.91 -9.73 -13.70
C THR A 173 20.29 -10.33 -13.44
N GLY A 174 20.48 -10.86 -12.24
CA GLY A 174 21.78 -11.41 -11.89
C GLY A 174 22.70 -10.30 -11.41
N ASP A 175 22.21 -9.06 -11.47
CA ASP A 175 22.99 -7.91 -11.03
C ASP A 175 22.73 -7.73 -9.54
N LYS A 176 23.72 -8.11 -8.74
CA LYS A 176 23.60 -8.05 -7.28
C LYS A 176 23.62 -6.68 -6.61
N LYS A 177 23.95 -5.61 -7.35
CA LYS A 177 24.00 -4.30 -6.71
C LYS A 177 22.69 -3.80 -6.12
N PHE A 178 21.57 -4.16 -6.73
CA PHE A 178 20.27 -3.71 -6.23
C PHE A 178 20.00 -4.30 -4.86
N GLN A 179 20.09 -5.62 -4.77
CA GLN A 179 19.87 -6.33 -3.51
C GLN A 179 20.86 -5.91 -2.43
N GLU A 180 22.13 -5.81 -2.78
CA GLU A 180 23.14 -5.44 -1.80
C GLU A 180 22.91 -4.06 -1.21
N ALA A 181 22.46 -3.14 -2.05
CA ALA A 181 22.20 -1.77 -1.59
C ALA A 181 21.06 -1.72 -0.58
N VAL A 182 19.93 -2.36 -0.89
CA VAL A 182 18.80 -2.32 0.02
C VAL A 182 18.99 -3.18 1.26
N GLU A 183 19.73 -4.28 1.16
CA GLU A 183 19.93 -5.12 2.33
C GLU A 183 20.87 -4.44 3.31
N LYS A 184 21.68 -3.52 2.82
CA LYS A 184 22.60 -2.79 3.68
C LYS A 184 21.77 -1.91 4.62
N VAL A 185 20.72 -1.30 4.08
CA VAL A 185 19.87 -0.44 4.92
C VAL A 185 19.12 -1.28 5.95
N THR A 186 18.62 -2.44 5.52
CA THR A 186 17.88 -3.31 6.42
C THR A 186 18.76 -3.73 7.59
N GLN A 187 20.00 -4.07 7.31
CA GLN A 187 20.92 -4.50 8.35
C GLN A 187 21.27 -3.33 9.28
N HIS A 188 21.41 -2.14 8.71
CA HIS A 188 21.75 -0.97 9.50
C HIS A 188 20.61 -0.65 10.45
N ILE A 189 19.39 -0.72 9.94
CA ILE A 189 18.21 -0.43 10.75
C ILE A 189 18.10 -1.44 11.90
N HIS A 190 18.43 -2.69 11.63
CA HIS A 190 18.34 -3.74 12.64
C HIS A 190 19.17 -3.47 13.90
N GLY A 191 20.39 -2.97 13.72
CA GLY A 191 21.24 -2.71 14.87
C GLY A 191 21.23 -1.26 15.34
N LEU A 192 20.28 -0.49 14.83
CA LEU A 192 20.19 0.92 15.19
C LEU A 192 19.43 1.12 16.51
N SER A 193 19.98 1.97 17.37
CA SER A 193 19.32 2.26 18.65
C SER A 193 18.33 3.40 18.45
N GLY A 194 17.43 3.57 19.41
CA GLY A 194 16.43 4.63 19.30
C GLY A 194 15.04 4.04 19.13
N LYS A 195 14.96 2.72 19.13
CA LYS A 195 13.69 2.02 18.98
C LYS A 195 13.01 1.85 20.33
N LYS A 196 11.69 1.71 20.30
CA LYS A 196 10.89 1.50 21.49
C LYS A 196 10.27 0.12 21.38
N ASP A 197 10.93 -0.89 21.96
CA ASP A 197 10.45 -2.26 21.91
C ASP A 197 10.07 -2.68 20.49
N GLY A 198 10.93 -2.38 19.53
CA GLY A 198 10.66 -2.74 18.15
C GLY A 198 10.04 -1.63 17.33
N LEU A 199 9.44 -0.65 18.01
CA LEU A 199 8.84 0.47 17.32
C LEU A 199 9.93 1.43 16.87
N VAL A 200 9.84 1.88 15.63
CA VAL A 200 10.85 2.79 15.07
C VAL A 200 10.38 4.23 14.87
N PRO A 201 11.33 5.19 14.98
CA PRO A 201 11.02 6.61 14.79
C PRO A 201 10.64 6.81 13.33
N MET A 202 10.10 7.98 12.98
CA MET A 202 9.67 8.26 11.61
C MET A 202 10.75 8.73 10.63
N PHE A 203 11.87 9.22 11.15
CA PHE A 203 12.92 9.73 10.29
C PHE A 203 14.31 9.19 10.59
N ILE A 204 15.20 9.34 9.61
CA ILE A 204 16.57 8.89 9.74
C ILE A 204 17.46 9.80 8.89
N ASN A 205 18.59 10.22 9.48
CA ASN A 205 19.52 11.11 8.79
C ASN A 205 20.45 10.32 7.89
N THR A 206 20.53 10.73 6.62
CA THR A 206 21.38 10.05 5.65
C THR A 206 22.88 10.23 5.89
N HIS A 207 23.24 11.36 6.49
CA HIS A 207 24.64 11.62 6.76
C HIS A 207 25.14 10.85 7.98
N SER A 208 24.41 10.96 9.08
CA SER A 208 24.78 10.27 10.32
C SER A 208 24.23 8.85 10.35
N GLY A 209 23.18 8.62 9.58
CA GLY A 209 22.57 7.30 9.53
C GLY A 209 21.83 6.98 10.82
N LEU A 210 21.55 8.00 11.62
CA LEU A 210 20.86 7.81 12.88
C LEU A 210 19.39 8.22 12.84
N PHE A 211 18.57 7.56 13.67
CA PHE A 211 17.15 7.90 13.75
C PHE A 211 17.05 9.33 14.27
N THR A 212 16.05 10.07 13.81
CA THR A 212 15.81 11.43 14.29
C THR A 212 14.36 11.44 14.76
N HIS A 213 13.89 12.56 15.29
CA HIS A 213 12.52 12.66 15.78
C HIS A 213 12.27 11.51 16.77
N LEU A 214 13.22 11.31 17.67
CA LEU A 214 13.15 10.24 18.65
C LEU A 214 11.95 10.39 19.60
N GLY A 215 11.52 9.26 20.16
CA GLY A 215 10.41 9.26 21.10
C GLY A 215 9.01 9.39 20.54
N VAL A 216 8.87 9.47 19.21
CA VAL A 216 7.55 9.59 18.60
C VAL A 216 7.31 8.39 17.68
N PHE A 217 6.24 7.64 17.97
CA PHE A 217 5.93 6.44 17.19
C PHE A 217 4.50 6.35 16.67
N THR A 218 4.37 5.78 15.48
CA THR A 218 3.08 5.60 14.84
C THR A 218 3.24 4.49 13.82
N LEU A 219 2.14 3.85 13.45
CA LEU A 219 2.19 2.80 12.44
C LEU A 219 1.48 3.33 11.20
N GLY A 220 1.25 4.64 11.20
CA GLY A 220 0.59 5.28 10.07
C GLY A 220 1.59 5.84 9.08
N ALA A 221 1.28 6.99 8.51
CA ALA A 221 2.16 7.61 7.53
C ALA A 221 3.60 7.73 8.02
N ARG A 222 4.54 7.43 7.13
CA ARG A 222 5.98 7.51 7.40
C ARG A 222 6.59 6.29 8.08
N ALA A 223 5.75 5.36 8.54
CA ALA A 223 6.28 4.18 9.22
C ALA A 223 5.60 2.86 8.83
N ASP A 224 4.32 2.93 8.50
CA ASP A 224 3.54 1.75 8.17
C ASP A 224 4.25 0.57 7.49
N SER A 225 4.67 0.74 6.24
CA SER A 225 5.28 -0.38 5.52
C SER A 225 6.61 -0.92 6.07
N TYR A 226 7.24 -0.23 7.01
CA TYR A 226 8.47 -0.76 7.58
C TYR A 226 8.16 -2.12 8.24
N TYR A 227 7.11 -2.17 9.05
CA TYR A 227 6.74 -3.40 9.74
C TYR A 227 6.28 -4.46 8.75
N GLU A 228 5.54 -4.01 7.75
CA GLU A 228 5.01 -4.86 6.70
C GLU A 228 6.13 -5.60 5.95
N TYR A 229 7.17 -4.86 5.58
CA TYR A 229 8.29 -5.44 4.85
C TYR A 229 9.23 -6.32 5.68
N LEU A 230 9.18 -6.20 7.00
CA LEU A 230 10.00 -7.07 7.82
C LEU A 230 9.47 -8.49 7.59
N LEU A 231 8.16 -8.65 7.71
CA LEU A 231 7.53 -9.95 7.51
C LEU A 231 7.59 -10.39 6.06
N LYS A 232 7.24 -9.49 5.13
CA LYS A 232 7.24 -9.85 3.72
C LYS A 232 8.60 -10.23 3.13
N GLN A 233 9.67 -9.60 3.59
CA GLN A 233 11.00 -9.96 3.09
C GLN A 233 11.30 -11.37 3.59
N TRP A 234 10.96 -11.62 4.86
CA TRP A 234 11.18 -12.93 5.46
C TRP A 234 10.45 -13.98 4.62
N ILE A 235 9.20 -13.68 4.26
CA ILE A 235 8.42 -14.62 3.45
C ILE A 235 9.04 -14.78 2.06
N GLN A 236 9.38 -13.66 1.42
CA GLN A 236 9.98 -13.68 0.09
C GLN A 236 11.23 -14.53 0.04
N GLY A 237 12.11 -14.37 1.03
CA GLY A 237 13.35 -15.13 1.07
C GLY A 237 13.23 -16.60 1.43
N GLY A 238 12.00 -17.10 1.56
CA GLY A 238 11.81 -18.50 1.89
C GLY A 238 11.88 -18.79 3.39
N LYS A 239 11.56 -17.79 4.20
CA LYS A 239 11.57 -17.93 5.66
C LYS A 239 12.91 -18.44 6.20
N GLN A 240 14.00 -17.87 5.72
CA GLN A 240 15.33 -18.29 6.15
C GLN A 240 16.04 -17.18 6.92
N GLU A 241 15.60 -15.94 6.69
CA GLU A 241 16.21 -14.79 7.33
C GLU A 241 15.60 -14.47 8.69
N THR A 242 16.04 -15.22 9.70
CA THR A 242 15.54 -15.09 11.06
C THR A 242 15.55 -13.70 11.70
N GLN A 243 16.55 -12.87 11.39
CA GLN A 243 16.59 -11.53 11.97
C GLN A 243 15.35 -10.72 11.62
N LEU A 244 14.86 -10.88 10.39
CA LEU A 244 13.67 -10.17 9.95
C LEU A 244 12.47 -10.63 10.75
N LEU A 245 12.35 -11.94 10.90
CA LEU A 245 11.25 -12.54 11.65
C LEU A 245 11.28 -12.02 13.09
N GLU A 246 12.44 -12.10 13.71
CA GLU A 246 12.62 -11.65 15.09
C GLU A 246 12.24 -10.19 15.29
N ASP A 247 12.68 -9.32 14.37
CA ASP A 247 12.38 -7.90 14.46
C ASP A 247 10.88 -7.66 14.31
N TYR A 248 10.23 -8.45 13.45
CA TYR A 248 8.80 -8.32 13.23
C TYR A 248 8.05 -8.73 14.49
N VAL A 249 8.39 -9.89 15.03
CA VAL A 249 7.77 -10.40 16.25
C VAL A 249 7.93 -9.40 17.39
N GLU A 250 9.13 -8.85 17.54
CA GLU A 250 9.38 -7.88 18.61
C GLU A 250 8.51 -6.64 18.40
N ALA A 251 8.43 -6.18 17.15
CA ALA A 251 7.64 -5.02 16.81
C ALA A 251 6.17 -5.18 17.17
N ILE A 252 5.60 -6.33 16.83
CA ILE A 252 4.19 -6.55 17.14
C ILE A 252 3.97 -6.52 18.66
N GLU A 253 4.92 -7.04 19.41
CA GLU A 253 4.81 -7.01 20.86
C GLU A 253 4.90 -5.56 21.34
N GLY A 254 5.71 -4.76 20.64
CA GLY A 254 5.85 -3.36 20.98
C GLY A 254 4.52 -2.67 20.72
N VAL A 255 3.84 -3.10 19.65
CA VAL A 255 2.55 -2.51 19.32
C VAL A 255 1.56 -2.83 20.44
N ARG A 256 1.54 -4.09 20.88
CA ARG A 256 0.64 -4.52 21.94
C ARG A 256 0.90 -3.74 23.23
N THR A 257 2.17 -3.58 23.57
CA THR A 257 2.55 -2.90 24.80
C THR A 257 2.41 -1.37 24.83
N HIS A 258 2.59 -0.71 23.69
CA HIS A 258 2.53 0.75 23.69
C HIS A 258 1.44 1.46 22.91
N LEU A 259 0.95 0.84 21.83
CA LEU A 259 -0.03 1.50 20.99
C LEU A 259 -1.43 0.89 20.98
N LEU A 260 -1.58 -0.30 21.52
CA LEU A 260 -2.88 -0.96 21.52
C LEU A 260 -3.79 -0.55 22.67
N ARG A 261 -4.97 -0.05 22.32
CA ARG A 261 -5.97 0.36 23.31
C ARG A 261 -7.36 -0.03 22.82
N HIS A 262 -8.36 0.20 23.65
CA HIS A 262 -9.73 -0.13 23.29
C HIS A 262 -10.63 1.07 23.49
N SER A 263 -11.60 1.23 22.58
CA SER A 263 -12.53 2.35 22.66
C SER A 263 -13.64 2.06 23.67
N GLU A 264 -14.42 3.10 23.95
CA GLU A 264 -15.54 3.00 24.87
C GLU A 264 -16.72 3.62 24.11
N PRO A 265 -17.93 3.06 24.29
CA PRO A 265 -18.32 1.92 25.13
C PRO A 265 -18.19 0.54 24.51
N SER A 266 -17.94 0.48 23.19
CA SER A 266 -17.87 -0.80 22.48
C SER A 266 -16.62 -1.67 22.60
N LYS A 267 -15.54 -1.11 23.13
CA LYS A 267 -14.30 -1.87 23.29
C LYS A 267 -13.63 -2.26 21.98
N LEU A 268 -13.71 -1.39 20.99
CA LEU A 268 -13.09 -1.66 19.70
C LEU A 268 -11.58 -1.56 19.87
N THR A 269 -10.87 -2.59 19.43
CA THR A 269 -9.42 -2.61 19.53
C THR A 269 -8.82 -1.70 18.47
N PHE A 270 -7.88 -0.85 18.86
CA PHE A 270 -7.25 0.03 17.88
C PHE A 270 -5.81 0.35 18.23
N VAL A 271 -5.11 0.91 17.25
CA VAL A 271 -3.70 1.28 17.38
C VAL A 271 -3.60 2.80 17.33
N GLY A 272 -3.07 3.39 18.39
CA GLY A 272 -2.92 4.83 18.42
C GLY A 272 -1.48 5.23 18.19
N GLU A 273 -1.14 6.47 18.56
CA GLU A 273 0.22 6.96 18.39
C GLU A 273 0.79 7.38 19.73
N LEU A 274 2.13 7.36 19.83
CA LEU A 274 2.81 7.73 21.07
C LEU A 274 3.84 8.81 20.80
N ALA A 275 3.76 9.90 21.57
CA ALA A 275 4.70 10.99 21.41
C ALA A 275 5.26 11.39 22.77
N HIS A 276 6.51 11.02 23.01
CA HIS A 276 7.19 11.33 24.26
C HIS A 276 6.35 10.92 25.47
N GLY A 277 5.87 9.68 25.45
CA GLY A 277 5.07 9.18 26.55
C GLY A 277 3.59 9.48 26.51
N ARG A 278 3.18 10.43 25.67
CA ARG A 278 1.76 10.79 25.56
C ARG A 278 1.06 10.01 24.46
N PHE A 279 0.10 9.18 24.84
CA PHE A 279 -0.67 8.39 23.89
C PHE A 279 -1.73 9.26 23.23
N SER A 280 -1.92 9.06 21.93
CA SER A 280 -2.92 9.80 21.18
C SER A 280 -3.84 8.77 20.53
N ALA A 281 -5.12 8.82 20.88
CA ALA A 281 -6.10 7.88 20.33
C ALA A 281 -6.46 8.30 18.91
N LYS A 282 -5.43 8.36 18.06
CA LYS A 282 -5.57 8.75 16.66
C LYS A 282 -5.04 7.61 15.79
N MET A 283 -5.81 7.21 14.78
CA MET A 283 -5.40 6.11 13.91
C MET A 283 -5.66 6.37 12.43
N ASP A 284 -4.60 6.53 11.64
CA ASP A 284 -4.74 6.77 10.21
C ASP A 284 -5.39 5.53 9.60
N HIS A 285 -6.09 5.69 8.49
CA HIS A 285 -6.69 4.57 7.81
C HIS A 285 -5.52 3.69 7.35
N LEU A 286 -4.37 4.33 7.13
CA LEU A 286 -3.16 3.61 6.70
C LEU A 286 -2.86 2.44 7.62
N VAL A 287 -3.14 2.62 8.91
CA VAL A 287 -2.88 1.57 9.88
C VAL A 287 -3.73 0.30 9.64
N CYS A 288 -4.76 0.40 8.82
CA CYS A 288 -5.60 -0.76 8.57
C CYS A 288 -4.90 -1.83 7.73
N PHE A 289 -3.64 -1.58 7.40
CA PHE A 289 -2.86 -2.56 6.65
C PHE A 289 -2.49 -3.67 7.63
N LEU A 290 -2.40 -3.30 8.90
CA LEU A 290 -1.97 -4.23 9.93
C LEU A 290 -2.70 -5.55 10.08
N PRO A 291 -4.05 -5.53 10.17
CA PRO A 291 -4.74 -6.82 10.32
C PRO A 291 -4.38 -7.77 9.18
N GLY A 292 -4.25 -7.22 7.98
CA GLY A 292 -3.89 -8.06 6.84
C GLY A 292 -2.51 -8.66 7.01
N THR A 293 -1.54 -7.82 7.36
CA THR A 293 -0.17 -8.28 7.57
C THR A 293 -0.14 -9.30 8.71
N LEU A 294 -0.88 -9.02 9.78
CA LEU A 294 -0.92 -9.95 10.91
C LEU A 294 -1.43 -11.32 10.48
N ALA A 295 -2.53 -11.33 9.74
CA ALA A 295 -3.12 -12.59 9.26
C ALA A 295 -2.15 -13.32 8.33
N LEU A 296 -1.50 -12.57 7.45
CA LEU A 296 -0.53 -13.15 6.52
C LEU A 296 0.54 -13.88 7.33
N GLY A 297 1.01 -13.24 8.39
CA GLY A 297 2.01 -13.85 9.24
C GLY A 297 1.51 -15.15 9.84
N VAL A 298 0.28 -15.12 10.37
CA VAL A 298 -0.31 -16.31 10.98
C VAL A 298 -0.31 -17.47 9.98
N TYR A 299 -0.69 -17.17 8.75
CA TYR A 299 -0.72 -18.18 7.70
C TYR A 299 0.67 -18.82 7.59
N HIS A 300 1.70 -18.00 7.78
CA HIS A 300 3.07 -18.48 7.68
C HIS A 300 3.73 -18.94 8.98
N GLY A 301 2.92 -19.28 9.98
CA GLY A 301 3.47 -19.78 11.22
C GLY A 301 3.64 -18.85 12.42
N LEU A 302 3.18 -17.60 12.31
CA LEU A 302 3.31 -16.71 13.46
C LEU A 302 2.29 -16.98 14.55
N PRO A 303 2.57 -16.51 15.78
CA PRO A 303 1.71 -16.69 16.97
C PRO A 303 0.21 -16.56 16.73
N ALA A 304 -0.55 -17.45 17.35
CA ALA A 304 -2.00 -17.44 17.22
C ALA A 304 -2.56 -16.15 17.79
N SER A 305 -1.77 -15.49 18.65
CA SER A 305 -2.19 -14.24 19.26
C SER A 305 -2.29 -13.16 18.17
N HIS A 306 -1.48 -13.31 17.13
CA HIS A 306 -1.49 -12.37 16.02
C HIS A 306 -2.84 -12.43 15.29
N MET A 307 -3.42 -13.62 15.26
CA MET A 307 -4.70 -13.84 14.60
C MET A 307 -5.82 -13.17 15.36
N GLU A 308 -5.80 -13.29 16.69
CA GLU A 308 -6.82 -12.67 17.52
C GLU A 308 -6.77 -11.17 17.28
N LEU A 309 -5.56 -10.63 17.27
CA LEU A 309 -5.36 -9.20 17.05
C LEU A 309 -5.84 -8.81 15.66
N ALA A 310 -5.53 -9.65 14.66
CA ALA A 310 -5.93 -9.37 13.29
C ALA A 310 -7.45 -9.26 13.15
N GLN A 311 -8.17 -10.20 13.74
CA GLN A 311 -9.62 -10.22 13.66
C GLN A 311 -10.22 -8.98 14.33
N GLU A 312 -9.67 -8.61 15.47
CA GLU A 312 -10.16 -7.45 16.20
C GLU A 312 -9.93 -6.17 15.41
N LEU A 313 -8.74 -6.00 14.86
CA LEU A 313 -8.44 -4.81 14.08
C LEU A 313 -9.23 -4.77 12.78
N MET A 314 -9.53 -5.95 12.21
CA MET A 314 -10.30 -5.99 10.96
C MET A 314 -11.69 -5.44 11.27
N GLU A 315 -12.23 -5.86 12.40
CA GLU A 315 -13.55 -5.41 12.83
C GLU A 315 -13.53 -3.89 13.01
N THR A 316 -12.50 -3.39 13.67
CA THR A 316 -12.38 -1.96 13.89
C THR A 316 -12.27 -1.19 12.57
N CYS A 317 -11.45 -1.70 11.66
CA CYS A 317 -11.30 -1.01 10.37
C CYS A 317 -12.62 -1.03 9.62
N TYR A 318 -13.35 -2.14 9.71
CA TYR A 318 -14.64 -2.25 9.04
C TYR A 318 -15.56 -1.16 9.62
N GLN A 319 -15.54 -1.00 10.94
CA GLN A 319 -16.37 0.02 11.58
C GLN A 319 -15.98 1.45 11.20
N MET A 320 -14.70 1.67 10.94
CA MET A 320 -14.23 2.99 10.55
C MET A 320 -14.93 3.40 9.26
N ASN A 321 -15.28 2.40 8.47
CA ASN A 321 -15.97 2.62 7.21
C ASN A 321 -17.49 2.72 7.44
N ARG A 322 -18.04 1.67 8.05
CA ARG A 322 -19.49 1.59 8.28
C ARG A 322 -20.10 2.62 9.21
N GLN A 323 -19.31 3.19 10.10
CA GLN A 323 -19.84 4.21 11.01
C GLN A 323 -20.01 5.55 10.30
N MET A 324 -19.45 5.66 9.11
CA MET A 324 -19.56 6.88 8.31
C MET A 324 -20.85 6.81 7.49
N GLU A 325 -21.48 7.95 7.26
CA GLU A 325 -22.73 8.00 6.51
C GLU A 325 -22.60 7.52 5.06
N THR A 326 -21.41 7.63 4.48
CA THR A 326 -21.20 7.16 3.11
C THR A 326 -20.70 5.72 3.11
N GLY A 327 -20.29 5.23 4.27
CA GLY A 327 -19.79 3.87 4.36
C GLY A 327 -18.31 3.78 3.99
N LEU A 328 -17.68 4.94 3.82
CA LEU A 328 -16.26 4.98 3.48
C LEU A 328 -15.47 5.64 4.60
N SER A 329 -14.42 4.96 5.06
CA SER A 329 -13.59 5.47 6.14
C SER A 329 -12.90 6.78 5.80
N PRO A 330 -12.75 7.67 6.79
CA PRO A 330 -12.08 8.94 6.55
C PRO A 330 -10.58 8.69 6.63
N GLU A 331 -9.78 9.73 6.37
CA GLU A 331 -8.34 9.62 6.42
C GLU A 331 -7.83 9.26 7.82
N ILE A 332 -8.43 9.84 8.85
CA ILE A 332 -8.03 9.58 10.23
C ILE A 332 -9.25 9.44 11.14
N VAL A 333 -9.13 8.55 12.12
CA VAL A 333 -10.22 8.31 13.08
C VAL A 333 -9.73 8.32 14.53
N HIS A 334 -10.42 9.08 15.36
CA HIS A 334 -10.07 9.16 16.79
C HIS A 334 -11.02 8.26 17.57
N PHE A 335 -10.51 7.58 18.59
CA PHE A 335 -11.32 6.69 19.41
C PHE A 335 -11.42 7.17 20.85
N ASN A 336 -12.58 6.96 21.47
CA ASN A 336 -12.79 7.36 22.87
C ASN A 336 -12.26 6.29 23.81
N LEU A 337 -11.39 6.70 24.72
CA LEU A 337 -10.78 5.78 25.66
C LEU A 337 -11.46 5.64 27.02
N TYR A 338 -12.23 6.65 27.41
CA TYR A 338 -12.86 6.59 28.73
C TYR A 338 -14.38 6.54 28.75
N PRO A 339 -14.93 5.86 29.76
CA PRO A 339 -16.38 5.69 29.95
C PRO A 339 -17.21 6.96 29.98
N GLN A 340 -18.25 6.97 29.14
CA GLN A 340 -19.19 8.07 29.07
C GLN A 340 -20.39 7.56 28.29
N PRO A 341 -21.53 7.37 28.96
CA PRO A 341 -22.73 6.87 28.30
C PRO A 341 -23.20 7.76 27.15
N GLY A 342 -23.75 7.14 26.11
CA GLY A 342 -24.23 7.89 24.97
C GLY A 342 -23.11 8.33 24.05
N ARG A 343 -21.88 8.25 24.54
CA ARG A 343 -20.70 8.64 23.78
C ARG A 343 -20.34 7.51 22.82
N ARG A 344 -20.29 7.79 21.53
CA ARG A 344 -19.95 6.77 20.54
C ARG A 344 -18.44 6.50 20.55
N ASP A 345 -18.04 5.41 19.90
CA ASP A 345 -16.64 5.01 19.85
C ASP A 345 -15.79 5.79 18.84
N VAL A 346 -16.34 5.99 17.65
CA VAL A 346 -15.63 6.67 16.57
C VAL A 346 -15.90 8.17 16.44
N GLU A 347 -14.83 8.93 16.31
CA GLU A 347 -14.91 10.38 16.17
C GLU A 347 -13.99 10.80 15.03
N VAL A 348 -14.42 11.77 14.23
CA VAL A 348 -13.60 12.24 13.12
C VAL A 348 -13.57 13.76 13.07
N LYS A 349 -12.36 14.32 12.95
CA LYS A 349 -12.20 15.76 12.87
C LYS A 349 -12.64 16.23 11.49
N PRO A 350 -13.23 17.42 11.39
CA PRO A 350 -13.69 17.96 10.11
C PRO A 350 -12.63 17.98 9.02
N ALA A 351 -11.38 18.18 9.40
CA ALA A 351 -10.28 18.24 8.43
C ALA A 351 -9.86 16.88 7.89
N ASP A 352 -10.24 15.81 8.59
CA ASP A 352 -9.86 14.46 8.18
C ASP A 352 -10.96 13.64 7.52
N ARG A 353 -12.06 14.29 7.16
CA ARG A 353 -13.20 13.59 6.56
C ARG A 353 -13.07 13.22 5.09
N HIS A 354 -11.86 13.31 4.54
CA HIS A 354 -11.64 12.96 3.14
C HIS A 354 -11.43 11.46 3.00
N ASN A 355 -11.70 10.94 1.81
CA ASN A 355 -11.44 9.54 1.50
C ASN A 355 -10.76 9.59 0.14
N LEU A 356 -9.54 9.08 0.06
CA LEU A 356 -8.81 9.12 -1.21
C LEU A 356 -8.82 7.78 -1.94
N LEU A 357 -9.88 7.00 -1.72
CA LEU A 357 -10.03 5.69 -2.36
C LEU A 357 -8.91 4.72 -1.95
N ARG A 358 -8.41 4.88 -0.72
CA ARG A 358 -7.34 4.03 -0.20
C ARG A 358 -7.74 2.55 -0.07
N PRO A 359 -6.76 1.64 -0.25
CA PRO A 359 -6.91 0.19 -0.20
C PRO A 359 -6.82 -0.59 1.10
N GLU A 360 -6.27 0.02 2.15
CA GLU A 360 -6.04 -0.71 3.38
C GLU A 360 -7.13 -1.60 4.00
N THR A 361 -8.39 -1.17 3.98
CA THR A 361 -9.42 -2.03 4.55
C THR A 361 -9.67 -3.25 3.67
N VAL A 362 -9.87 -3.02 2.39
CA VAL A 362 -10.11 -4.14 1.47
C VAL A 362 -8.89 -5.05 1.33
N GLU A 363 -7.71 -4.47 1.50
CA GLU A 363 -6.46 -5.23 1.45
C GLU A 363 -6.47 -6.23 2.60
N SER A 364 -6.76 -5.75 3.81
CA SER A 364 -6.78 -6.65 4.94
C SER A 364 -7.94 -7.66 4.89
N LEU A 365 -9.05 -7.27 4.28
CA LEU A 365 -10.19 -8.19 4.15
C LEU A 365 -9.74 -9.38 3.31
N PHE A 366 -8.96 -9.09 2.28
CA PHE A 366 -8.43 -10.12 1.41
C PHE A 366 -7.66 -11.17 2.21
N TYR A 367 -6.71 -10.72 3.03
CA TYR A 367 -5.93 -11.63 3.85
C TYR A 367 -6.77 -12.35 4.90
N LEU A 368 -7.66 -11.62 5.57
CA LEU A 368 -8.51 -12.24 6.59
C LEU A 368 -9.35 -13.34 5.95
N TYR A 369 -9.84 -13.11 4.75
CA TYR A 369 -10.65 -14.13 4.10
C TYR A 369 -9.80 -15.33 3.69
N ARG A 370 -8.64 -15.06 3.11
CA ARG A 370 -7.76 -16.14 2.66
C ARG A 370 -7.31 -17.03 3.82
N VAL A 371 -7.11 -16.43 4.99
CA VAL A 371 -6.66 -17.19 6.14
C VAL A 371 -7.77 -17.85 6.96
N THR A 372 -8.92 -17.19 7.09
CA THR A 372 -10.02 -17.76 7.88
C THR A 372 -11.09 -18.42 7.03
N GLY A 373 -11.24 -17.99 5.78
CA GLY A 373 -12.26 -18.55 4.93
C GLY A 373 -13.64 -18.09 5.33
N ASP A 374 -13.70 -17.12 6.23
CA ASP A 374 -14.99 -16.58 6.71
C ASP A 374 -15.57 -15.66 5.65
N ARG A 375 -16.69 -16.09 5.08
CA ARG A 375 -17.38 -15.36 4.03
C ARG A 375 -17.82 -13.94 4.39
N LYS A 376 -17.92 -13.62 5.68
CA LYS A 376 -18.34 -12.27 6.06
C LYS A 376 -17.37 -11.21 5.57
N TYR A 377 -16.09 -11.55 5.48
CA TYR A 377 -15.08 -10.60 5.02
C TYR A 377 -15.33 -10.22 3.56
N GLN A 378 -15.88 -11.17 2.80
CA GLN A 378 -16.19 -10.89 1.41
C GLN A 378 -17.41 -9.96 1.40
N ASP A 379 -18.37 -10.25 2.26
CA ASP A 379 -19.59 -9.44 2.37
C ASP A 379 -19.23 -8.00 2.70
N TRP A 380 -18.30 -7.82 3.64
CA TRP A 380 -17.87 -6.49 4.06
C TRP A 380 -17.22 -5.75 2.90
N GLY A 381 -16.43 -6.47 2.10
CA GLY A 381 -15.78 -5.86 0.96
C GLY A 381 -16.78 -5.40 -0.08
N TRP A 382 -17.83 -6.21 -0.27
CA TRP A 382 -18.87 -5.89 -1.26
C TRP A 382 -19.58 -4.61 -0.83
N GLU A 383 -19.82 -4.46 0.47
CA GLU A 383 -20.46 -3.25 0.98
C GLU A 383 -19.61 -2.02 0.70
N ILE A 384 -18.31 -2.13 0.94
CA ILE A 384 -17.41 -1.02 0.70
C ILE A 384 -17.37 -0.64 -0.78
N LEU A 385 -17.40 -1.64 -1.66
CA LEU A 385 -17.39 -1.38 -3.08
C LEU A 385 -18.67 -0.61 -3.45
N GLN A 386 -19.79 -0.98 -2.83
CA GLN A 386 -21.05 -0.31 -3.11
C GLN A 386 -20.93 1.18 -2.79
N SER A 387 -20.24 1.48 -1.69
CA SER A 387 -20.05 2.86 -1.29
C SER A 387 -19.20 3.61 -2.29
N PHE A 388 -18.13 2.99 -2.78
CA PHE A 388 -17.28 3.63 -3.77
C PHE A 388 -18.11 3.95 -5.01
N SER A 389 -18.91 2.99 -5.46
CA SER A 389 -19.75 3.18 -6.63
C SER A 389 -20.80 4.27 -6.46
N ARG A 390 -21.40 4.32 -5.28
CA ARG A 390 -22.45 5.29 -5.01
C ARG A 390 -22.00 6.72 -4.73
N PHE A 391 -20.86 6.88 -4.06
CA PHE A 391 -20.41 8.22 -3.70
C PHE A 391 -19.15 8.79 -4.37
N THR A 392 -18.42 7.98 -5.12
CA THR A 392 -17.19 8.48 -5.76
C THR A 392 -17.19 8.37 -7.28
N ARG A 393 -18.24 7.78 -7.84
CA ARG A 393 -18.35 7.61 -9.28
C ARG A 393 -18.53 8.92 -10.04
N VAL A 394 -17.79 9.06 -11.12
CA VAL A 394 -17.87 10.23 -11.98
C VAL A 394 -18.48 9.75 -13.28
N PRO A 395 -19.71 10.20 -13.58
CA PRO A 395 -20.44 9.81 -14.79
C PRO A 395 -19.61 9.71 -16.07
N SER A 396 -18.86 10.76 -16.39
CA SER A 396 -18.05 10.77 -17.61
C SER A 396 -16.93 9.73 -17.60
N GLY A 397 -16.66 9.18 -16.44
CA GLY A 397 -15.61 8.17 -16.33
C GLY A 397 -14.72 8.39 -15.13
N GLY A 398 -14.28 7.29 -14.51
CA GLY A 398 -13.42 7.39 -13.36
C GLY A 398 -14.15 7.53 -12.04
N TYR A 399 -13.38 7.56 -10.97
CA TYR A 399 -13.89 7.71 -9.61
C TYR A 399 -12.99 8.73 -8.95
N SER A 400 -13.52 9.54 -8.05
CA SER A 400 -12.71 10.57 -7.41
C SER A 400 -12.67 10.52 -5.89
N SER A 401 -11.56 11.00 -5.34
CA SER A 401 -11.41 11.07 -3.90
C SER A 401 -12.50 12.06 -3.49
N ILE A 402 -12.95 12.01 -2.25
CA ILE A 402 -14.00 12.92 -1.79
C ILE A 402 -13.60 13.64 -0.51
N ASN A 403 -14.14 14.84 -0.33
CA ASN A 403 -13.83 15.67 0.84
C ASN A 403 -14.68 15.39 2.08
N ASN A 404 -15.92 14.95 1.89
CA ASN A 404 -16.78 14.70 3.05
C ASN A 404 -17.42 13.32 3.06
N VAL A 405 -16.83 12.44 3.87
CA VAL A 405 -17.30 11.08 4.01
C VAL A 405 -18.58 11.00 4.85
N GLN A 406 -18.92 12.08 5.53
CA GLN A 406 -20.09 12.10 6.40
C GLN A 406 -21.35 12.69 5.77
N ASP A 407 -21.27 13.14 4.53
CA ASP A 407 -22.43 13.71 3.86
C ASP A 407 -22.74 13.01 2.55
N PRO A 408 -23.64 12.01 2.58
CA PRO A 408 -24.02 11.27 1.38
C PRO A 408 -24.63 12.13 0.28
N GLN A 409 -25.21 13.26 0.66
CA GLN A 409 -25.82 14.16 -0.32
C GLN A 409 -24.75 15.01 -1.01
N LYS A 410 -23.73 15.39 -0.25
CA LYS A 410 -22.66 16.23 -0.80
C LYS A 410 -21.29 15.71 -0.40
N PRO A 411 -20.85 14.58 -1.01
CA PRO A 411 -19.54 14.02 -0.68
C PRO A 411 -18.39 14.95 -1.07
N GLU A 412 -18.63 15.81 -2.05
CA GLU A 412 -17.64 16.78 -2.52
C GLU A 412 -16.39 16.15 -3.13
N PRO A 413 -16.46 15.76 -4.41
CA PRO A 413 -15.32 15.14 -5.10
C PRO A 413 -14.11 16.09 -5.13
N ARG A 414 -12.92 15.52 -4.97
CA ARG A 414 -11.69 16.32 -5.00
C ARG A 414 -11.10 16.37 -6.40
N ASP A 415 -11.73 15.69 -7.34
CA ASP A 415 -11.26 15.66 -8.73
C ASP A 415 -9.88 15.04 -8.85
N LYS A 416 -9.75 13.82 -8.35
CA LYS A 416 -8.47 13.10 -8.41
C LYS A 416 -8.67 11.60 -8.17
N MET A 417 -8.07 10.80 -9.04
CA MET A 417 -8.14 9.35 -8.89
C MET A 417 -6.71 8.88 -8.68
N GLU A 418 -6.38 8.58 -7.42
CA GLU A 418 -5.04 8.12 -7.06
C GLU A 418 -4.73 6.84 -7.83
N SER A 419 -3.46 6.66 -8.18
CA SER A 419 -3.06 5.47 -8.92
C SER A 419 -3.35 4.20 -8.15
N PHE A 420 -3.28 4.25 -6.81
CA PHE A 420 -3.54 3.06 -6.02
C PHE A 420 -4.99 2.58 -5.98
N PHE A 421 -5.91 3.36 -6.56
CA PHE A 421 -7.29 2.89 -6.58
C PHE A 421 -7.37 1.71 -7.56
N LEU A 422 -6.78 1.87 -8.74
CA LEU A 422 -6.81 0.79 -9.72
C LEU A 422 -5.68 -0.21 -9.47
N GLY A 423 -4.57 0.28 -8.93
CA GLY A 423 -3.45 -0.59 -8.65
C GLY A 423 -3.68 -1.46 -7.42
N GLU A 424 -4.32 -0.90 -6.39
CA GLU A 424 -4.54 -1.65 -5.15
C GLU A 424 -5.99 -1.98 -4.77
N THR A 425 -6.78 -0.94 -4.53
CA THR A 425 -8.16 -1.12 -4.10
C THR A 425 -8.99 -2.10 -4.91
N LEU A 426 -9.00 -1.95 -6.24
CA LEU A 426 -9.79 -2.88 -7.04
C LEU A 426 -9.12 -4.25 -7.20
N LYS A 427 -7.79 -4.31 -7.13
CA LYS A 427 -7.14 -5.61 -7.22
C LYS A 427 -7.47 -6.44 -5.97
N TYR A 428 -7.30 -5.85 -4.80
CA TYR A 428 -7.61 -6.58 -3.56
C TYR A 428 -9.08 -7.01 -3.49
N LEU A 429 -9.98 -6.18 -4.00
CA LEU A 429 -11.40 -6.56 -3.97
C LEU A 429 -11.66 -7.73 -4.92
N PHE A 430 -11.03 -7.70 -6.10
CA PHE A 430 -11.20 -8.80 -7.06
C PHE A 430 -10.71 -10.10 -6.42
N LEU A 431 -9.52 -10.04 -5.81
CA LEU A 431 -8.94 -11.22 -5.18
C LEU A 431 -9.75 -11.65 -3.97
N LEU A 432 -10.27 -10.69 -3.21
CA LEU A 432 -11.08 -11.01 -2.05
C LEU A 432 -12.29 -11.85 -2.46
N PHE A 433 -12.90 -11.49 -3.59
CA PHE A 433 -14.10 -12.17 -4.08
C PHE A 433 -13.84 -13.51 -4.75
N SER A 434 -12.57 -13.85 -4.94
CA SER A 434 -12.23 -15.12 -5.55
C SER A 434 -12.34 -16.21 -4.48
N ASP A 435 -12.80 -17.38 -4.86
CA ASP A 435 -12.89 -18.47 -3.91
C ASP A 435 -11.83 -19.52 -4.25
N ASP A 436 -10.84 -19.09 -5.01
CA ASP A 436 -9.75 -19.95 -5.43
C ASP A 436 -8.49 -19.60 -4.65
N PRO A 437 -8.15 -20.41 -3.64
CA PRO A 437 -6.96 -20.17 -2.83
C PRO A 437 -5.68 -20.24 -3.65
N ASN A 438 -5.78 -20.77 -4.86
CA ASN A 438 -4.61 -20.89 -5.71
C ASN A 438 -4.39 -19.70 -6.63
N LEU A 439 -5.31 -18.72 -6.57
CA LEU A 439 -5.17 -17.52 -7.38
C LEU A 439 -4.22 -16.63 -6.56
N LEU A 440 -2.97 -16.51 -7.01
CA LEU A 440 -1.97 -15.72 -6.28
C LEU A 440 -1.98 -16.18 -4.82
N SER A 441 -1.68 -17.47 -4.64
CA SER A 441 -1.66 -18.09 -3.32
C SER A 441 -0.69 -17.43 -2.35
N LEU A 442 -1.05 -17.43 -1.08
CA LEU A 442 -0.19 -16.84 -0.06
C LEU A 442 1.10 -17.66 0.07
N ASP A 443 1.10 -18.84 -0.52
CA ASP A 443 2.26 -19.73 -0.47
C ASP A 443 3.23 -19.53 -1.63
N ALA A 444 2.78 -18.86 -2.69
CA ALA A 444 3.60 -18.66 -3.88
C ALA A 444 3.94 -17.21 -4.20
N TYR A 445 3.13 -16.29 -3.73
CA TYR A 445 3.36 -14.88 -4.01
C TYR A 445 3.27 -14.03 -2.78
N VAL A 446 3.96 -12.89 -2.83
CA VAL A 446 3.93 -11.91 -1.75
C VAL A 446 3.71 -10.57 -2.45
N PHE A 447 2.73 -9.81 -1.98
CA PHE A 447 2.40 -8.52 -2.58
C PHE A 447 3.29 -7.41 -2.03
N ASN A 448 3.79 -6.53 -2.90
CA ASN A 448 4.61 -5.44 -2.39
C ASN A 448 3.60 -4.49 -1.76
N THR A 449 4.06 -3.36 -1.22
CA THR A 449 3.12 -2.48 -0.54
C THR A 449 2.16 -1.67 -1.43
N GLU A 450 2.29 -1.83 -2.74
CA GLU A 450 1.39 -1.15 -3.68
C GLU A 450 0.66 -2.25 -4.49
N ALA A 451 0.40 -3.36 -3.81
CA ALA A 451 -0.33 -4.51 -4.35
C ALA A 451 0.24 -5.18 -5.59
N HIS A 452 1.55 -5.19 -5.73
CA HIS A 452 2.17 -5.83 -6.87
C HIS A 452 2.77 -7.14 -6.42
N PRO A 453 2.16 -8.27 -6.83
CA PRO A 453 2.63 -9.59 -6.45
C PRO A 453 3.99 -9.98 -7.04
N LEU A 454 4.85 -10.51 -6.18
CA LEU A 454 6.18 -10.95 -6.56
C LEU A 454 6.32 -12.39 -6.09
N PRO A 455 7.02 -13.23 -6.85
CA PRO A 455 7.17 -14.64 -6.46
C PRO A 455 8.00 -14.89 -5.21
N ILE A 456 7.55 -15.87 -4.42
CA ILE A 456 8.27 -16.25 -3.22
C ILE A 456 9.42 -17.13 -3.70
N TRP A 457 10.62 -16.87 -3.20
CA TRP A 457 11.79 -17.64 -3.61
C TRP A 457 11.76 -19.05 -3.03
N THR A 458 12.31 -20.01 -3.77
CA THR A 458 12.34 -21.39 -3.32
C THR A 458 13.58 -21.67 -2.48
CA CA B . 0.56 -0.32 1.39
S SO4 C . -7.52 -0.19 27.22
O1 SO4 C . -6.89 0.27 28.46
O2 SO4 C . -7.55 0.92 26.25
O3 SO4 C . -6.78 -1.33 26.66
O4 SO4 C . -8.92 -0.61 27.50
S SO4 D . 8.98 2.58 28.15
O1 SO4 D . 9.44 2.42 26.76
O2 SO4 D . 9.07 1.29 28.85
O3 SO4 D . 9.82 3.58 28.84
O4 SO4 D . 7.57 3.04 28.15
S SO4 E . -0.46 5.66 -27.41
O1 SO4 E . 0.54 5.71 -28.49
O2 SO4 E . -0.13 4.55 -26.50
O3 SO4 E . -0.45 6.93 -26.66
O4 SO4 E . -1.80 5.45 -27.98
C4 KIF F . 0.00 3.56 -1.44
O4 KIF F . 1.12 4.30 -1.96
C3 KIF F . 0.62 2.34 -0.63
O3 KIF F . -0.35 1.45 -0.10
C2 KIF F . 1.50 2.88 0.57
O2 KIF F . 2.00 1.78 1.33
C1 KIF F . 0.61 3.82 1.46
N9 KIF F . 1.41 4.42 2.53
C8 KIF F . 1.01 5.72 2.52
O8 KIF F . 1.24 6.52 3.41
C7 KIF F . 0.24 6.01 1.28
O7 KIF F . -0.26 7.08 0.97
N KIF F . 0.26 4.89 0.58
C5 KIF F . -0.75 4.60 -0.53
C6 KIF F . -2.13 4.07 -0.02
O6 KIF F . -3.16 4.33 0.95
#